data_2R23
#
_entry.id   2R23
#
_cell.length_a   45.640
_cell.length_b   81.380
_cell.length_c   131.060
_cell.angle_alpha   90.000
_cell.angle_beta   90.000
_cell.angle_gamma   90.000
#
_symmetry.space_group_name_H-M   'P 21 21 21'
#
loop_
_entity.id
_entity.type
_entity.pdbx_description
1 polymer 'Fab, antibody fragment (IgG1k), light chain'
2 polymer 'Fab, antibody fragment (IgG1k), heavy chain'
3 branched 'D-glycero-alpha-D-talo-oct-2-ulopyranosonic acid-(2-4)-prop-2-en-1-yl 3-deoxy-alpha-D-manno-oct-2-ulopyranosidonic acid'
4 non-polymer 'MAGNESIUM ION'
5 non-polymer 'ZINC ION'
6 water water
#
loop_
_entity_poly.entity_id
_entity_poly.type
_entity_poly.pdbx_seq_one_letter_code
_entity_poly.pdbx_strand_id
1 'polypeptide(L)'
;DIVMSQSPSSLAVSAGEKVTMSCKSSQSLLNSRTRKNYLAWYQQKPGQSPKLLIYWASTRESGVPDRFTGSGSGTDFTLT
ITSVQAEDLAVYYCKQSYNLRTFGGGTKLEIKRADAAPTVSIFPPSSEQLTSGGASVVCFLNNFYPKDINVKWKIDGSER
QNGVLNSWTDQDSKDSTYSMSSTLTLTKDEYERHNSYTCEATHKTSTSPIVKSFNRNEC
;
A
2 'polypeptide(L)'
;EVKLVESGGGLVQSGGSLRLSCATSGFTFTDYYMSWVRQPPGKALEWLGFIRNKANGYTTEYSPSVKGRFTISRDNSQSI
LYLQMNTLRAEDSATYYCARDHDGYYERFSYWGQGTLVTVSAAKTTPPSVYPLAPGSAAQTNSMVTLGCLVKGYFPEPVT
VTWNSGSLSSGVHTFPAVLQSDLYTLSSSVTVPSSTWPSETVTCNVAHPASSTKVDKKIVPRDC
;
B
#
# COMPACT_ATOMS: atom_id res chain seq x y z
N ASP A 1 -27.75 13.00 3.51
CA ASP A 1 -26.82 11.81 3.49
C ASP A 1 -26.76 11.18 4.90
N ILE A 2 -26.20 9.97 5.04
CA ILE A 2 -25.69 9.55 6.34
C ILE A 2 -24.19 9.81 6.37
N VAL A 3 -23.74 10.57 7.37
CA VAL A 3 -22.34 10.90 7.61
C VAL A 3 -21.80 9.95 8.69
N MET A 4 -20.67 9.31 8.36
CA MET A 4 -20.00 8.36 9.28
C MET A 4 -18.70 9.01 9.80
N SER A 5 -18.46 8.91 11.12
CA SER A 5 -17.29 9.51 11.74
C SER A 5 -16.63 8.53 12.65
N GLN A 6 -15.29 8.46 12.63
CA GLN A 6 -14.58 7.55 13.49
C GLN A 6 -13.63 8.28 14.45
N SER A 7 -13.30 7.64 15.57
CA SER A 7 -12.24 8.17 16.47
C SER A 7 -11.59 6.99 17.15
N PRO A 8 -10.30 7.11 17.54
CA PRO A 8 -9.40 8.23 17.20
C PRO A 8 -9.02 8.16 15.72
N SER A 9 -8.34 9.19 15.21
CA SER A 9 -7.75 9.14 13.88
C SER A 9 -6.67 8.04 13.86
N SER A 10 -5.93 7.94 14.97
CA SER A 10 -4.82 6.98 15.09
C SER A 10 -4.48 6.79 16.54
N LEU A 11 -3.92 5.62 16.83
CA LEU A 11 -3.35 5.30 18.16
C LEU A 11 -2.34 4.14 17.99
N ALA A 12 -1.59 3.89 19.06
CA ALA A 12 -0.62 2.78 19.10
C ALA A 12 -0.78 2.08 20.41
N VAL A 13 -0.72 0.74 20.37
CA VAL A 13 -0.96 -0.10 21.54
C VAL A 13 0.14 -1.15 21.50
N SER A 14 0.56 -1.61 22.68
CA SER A 14 1.56 -2.70 22.76
C SER A 14 0.87 -4.05 22.54
N ALA A 15 1.61 -4.99 21.94
CA ALA A 15 1.08 -6.33 21.77
C ALA A 15 0.59 -6.88 23.13
N GLY A 16 -0.53 -7.59 23.10
CA GLY A 16 -1.19 -8.11 24.31
C GLY A 16 -2.19 -7.18 25.00
N GLU A 17 -2.19 -5.89 24.63
CA GLU A 17 -3.13 -4.92 25.24
C GLU A 17 -4.48 -4.85 24.51
N LYS A 18 -5.41 -4.10 25.07
CA LYS A 18 -6.73 -3.96 24.49
C LYS A 18 -6.78 -2.66 23.68
N VAL A 19 -7.48 -2.73 22.55
CA VAL A 19 -7.75 -1.57 21.69
C VAL A 19 -9.26 -1.33 21.64
N THR A 20 -9.65 -0.07 21.77
CA THR A 20 -11.03 0.38 21.62
C THR A 20 -11.10 1.52 20.59
N MET A 21 -11.98 1.37 19.61
CA MET A 21 -12.24 2.45 18.64
C MET A 21 -13.70 2.62 18.35
N SER A 22 -14.04 3.83 17.91
CA SER A 22 -15.39 4.30 17.90
C SER A 22 -15.89 4.70 16.50
N CYS A 23 -17.18 4.53 16.27
CA CYS A 23 -17.81 4.90 15.00
C CYS A 23 -19.20 5.48 15.25
N LYS A 24 -19.40 6.70 14.77
CA LYS A 24 -20.68 7.39 14.93
C LYS A 24 -21.38 7.59 13.58
N SER A 25 -22.69 7.34 13.56
CA SER A 25 -23.55 7.70 12.40
C SER A 25 -24.40 8.91 12.73
N SER A 26 -24.63 9.73 11.72
CA SER A 26 -25.50 10.91 11.87
C SER A 26 -26.97 10.52 12.07
N GLN A 27 -27.31 9.28 11.72
CA GLN A 27 -28.69 8.73 11.81
C GLN A 27 -28.63 7.35 12.40
N SER A 28 -29.64 6.96 13.17
CA SER A 28 -29.70 5.62 13.69
C SER A 28 -29.60 4.64 12.52
N LEU A 29 -28.83 3.59 12.72
CA LEU A 29 -28.66 2.50 11.74
C LEU A 29 -29.50 1.27 12.06
N LEU A 30 -30.41 1.43 13.03
CA LEU A 30 -31.23 0.34 13.51
C LEU A 30 -32.43 0.18 12.59
N ASN A 31 -32.45 -0.87 11.77
CA ASN A 31 -33.61 -1.12 10.89
C ASN A 31 -34.80 -1.65 11.71
N SER A 32 -35.93 -0.97 11.62
CA SER A 32 -37.09 -1.29 12.46
C SER A 32 -37.73 -2.61 12.04
N ARG A 33 -37.72 -2.88 10.72
CA ARG A 33 -38.28 -4.12 10.19
C ARG A 33 -37.45 -5.36 10.59
N THR A 34 -36.14 -5.34 10.32
CA THR A 34 -35.26 -6.49 10.64
C THR A 34 -34.69 -6.48 12.05
N ARG A 35 -34.75 -5.33 12.73
CA ARG A 35 -34.19 -5.16 14.10
C ARG A 35 -32.65 -5.42 14.20
N LYS A 36 -31.97 -5.10 13.11
CA LYS A 36 -30.51 -5.14 13.08
C LYS A 36 -29.96 -3.76 12.77
N ASN A 37 -28.72 -3.56 13.22
CA ASN A 37 -27.99 -2.33 12.99
C ASN A 37 -27.15 -2.59 11.73
N TYR A 38 -27.34 -1.82 10.67
CA TYR A 38 -26.62 -2.07 9.41
C TYR A 38 -25.26 -1.34 9.44
N LEU A 39 -24.38 -1.91 10.27
CA LEU A 39 -23.04 -1.34 10.49
C LEU A 39 -22.04 -2.48 10.41
N ALA A 40 -21.04 -2.29 9.55
CA ALA A 40 -19.96 -3.25 9.33
C ALA A 40 -18.60 -2.62 9.66
N TRP A 41 -17.64 -3.45 10.04
CA TRP A 41 -16.24 -3.08 10.29
C TRP A 41 -15.38 -3.83 9.28
N TYR A 42 -14.41 -3.12 8.71
CA TYR A 42 -13.42 -3.61 7.74
C TYR A 42 -12.02 -3.31 8.26
N GLN A 43 -11.10 -4.22 7.96
CA GLN A 43 -9.70 -4.06 8.31
C GLN A 43 -8.92 -3.92 7.01
N GLN A 44 -8.06 -2.92 6.93
CA GLN A 44 -7.23 -2.77 5.76
C GLN A 44 -5.76 -2.74 6.17
N LYS A 45 -5.07 -3.84 5.95
CA LYS A 45 -3.64 -3.89 6.27
C LYS A 45 -2.84 -3.16 5.19
N PRO A 46 -1.60 -2.70 5.51
CA PRO A 46 -0.83 -1.92 4.52
C PRO A 46 -0.68 -2.66 3.18
N GLY A 47 -1.01 -1.97 2.10
CA GLY A 47 -0.90 -2.51 0.74
C GLY A 47 -1.94 -3.56 0.35
N GLN A 48 -2.91 -3.84 1.23
CA GLN A 48 -3.94 -4.86 0.94
C GLN A 48 -5.32 -4.25 0.69
N SER A 49 -6.23 -5.04 0.09
CA SER A 49 -7.66 -4.66 0.03
C SER A 49 -8.31 -4.73 1.41
N PRO A 50 -9.40 -3.98 1.63
CA PRO A 50 -10.14 -4.09 2.88
C PRO A 50 -10.73 -5.51 3.04
N LYS A 51 -10.78 -5.99 4.27
CA LYS A 51 -11.29 -7.32 4.64
C LYS A 51 -12.43 -7.17 5.65
N LEU A 52 -13.56 -7.82 5.38
CA LEU A 52 -14.70 -7.78 6.29
C LEU A 52 -14.37 -8.42 7.63
N LEU A 53 -14.64 -7.72 8.74
CA LEU A 53 -14.42 -8.27 10.08
C LEU A 53 -15.74 -8.58 10.79
N ILE A 54 -16.62 -7.59 10.85
CA ILE A 54 -17.82 -7.62 11.67
C ILE A 54 -18.96 -7.07 10.83
N TYR A 55 -20.17 -7.62 10.93
CA TYR A 55 -21.33 -6.97 10.30
C TYR A 55 -22.57 -7.06 11.18
N TRP A 56 -23.65 -6.35 10.79
CA TRP A 56 -24.82 -6.19 11.66
C TRP A 56 -24.39 -5.73 13.07
N ALA A 57 -23.41 -4.80 13.13
CA ALA A 57 -22.78 -4.29 14.39
C ALA A 57 -21.96 -5.29 15.24
N SER A 58 -22.45 -6.54 15.40
CA SER A 58 -21.85 -7.48 16.36
C SER A 58 -21.54 -8.90 15.85
N THR A 59 -21.91 -9.21 14.61
CA THR A 59 -21.64 -10.55 14.06
C THR A 59 -20.22 -10.66 13.49
N ARG A 60 -19.42 -11.58 14.03
CA ARG A 60 -18.03 -11.76 13.64
C ARG A 60 -17.98 -12.69 12.42
N GLU A 61 -17.40 -12.21 11.32
CA GLU A 61 -17.32 -13.03 10.10
C GLU A 61 -16.48 -14.31 10.35
N SER A 62 -16.80 -15.40 9.65
CA SER A 62 -16.03 -16.65 9.81
C SER A 62 -14.58 -16.47 9.42
N GLY A 63 -13.68 -17.04 10.20
CA GLY A 63 -12.25 -16.88 9.96
C GLY A 63 -11.68 -15.75 10.80
N VAL A 64 -12.54 -14.83 11.23
CA VAL A 64 -12.08 -13.70 12.06
C VAL A 64 -11.75 -14.13 13.49
N PRO A 65 -10.51 -13.87 13.95
CA PRO A 65 -10.15 -14.17 15.33
C PRO A 65 -11.16 -13.64 16.37
N ASP A 66 -11.36 -14.43 17.42
CA ASP A 66 -12.28 -14.08 18.51
C ASP A 66 -11.89 -12.80 19.26
N ARG A 67 -10.64 -12.37 19.09
CA ARG A 67 -10.17 -11.13 19.74
C ARG A 67 -10.86 -9.84 19.26
N PHE A 68 -11.49 -9.91 18.07
CA PHE A 68 -12.24 -8.77 17.46
C PHE A 68 -13.72 -8.85 17.81
N THR A 69 -14.25 -7.83 18.49
CA THR A 69 -15.65 -7.76 18.91
C THR A 69 -16.28 -6.41 18.53
N GLY A 70 -17.39 -6.47 17.81
CA GLY A 70 -18.17 -5.29 17.53
C GLY A 70 -19.31 -5.16 18.51
N SER A 71 -19.60 -3.94 18.95
CA SER A 71 -20.78 -3.68 19.80
C SER A 71 -21.39 -2.33 19.48
N GLY A 72 -22.47 -1.98 20.18
CA GLY A 72 -23.13 -0.70 19.97
C GLY A 72 -24.46 -0.82 19.28
N SER A 73 -25.16 0.31 19.14
CA SER A 73 -26.47 0.34 18.48
C SER A 73 -26.84 1.76 18.17
N GLY A 74 -27.76 1.88 17.21
CA GLY A 74 -28.34 3.16 16.80
C GLY A 74 -27.31 4.04 16.09
N THR A 75 -26.82 5.07 16.79
CA THR A 75 -25.79 5.96 16.26
C THR A 75 -24.34 5.72 16.71
N ASP A 76 -24.08 4.83 17.67
CA ASP A 76 -22.73 4.68 18.22
C ASP A 76 -22.31 3.25 18.33
N PHE A 77 -21.12 3.02 17.79
CA PHE A 77 -20.58 1.69 17.63
C PHE A 77 -19.12 1.64 18.04
N THR A 78 -18.69 0.44 18.45
CA THR A 78 -17.36 0.20 18.95
C THR A 78 -16.79 -1.08 18.40
N LEU A 79 -15.52 -1.01 18.02
CA LEU A 79 -14.75 -2.21 17.73
C LEU A 79 -13.72 -2.34 18.83
N THR A 80 -13.70 -3.53 19.46
CA THR A 80 -12.76 -3.79 20.53
C THR A 80 -11.83 -4.95 20.12
N ILE A 81 -10.53 -4.74 20.26
CA ILE A 81 -9.58 -5.79 20.01
C ILE A 81 -8.91 -6.13 21.34
N THR A 82 -9.12 -7.36 21.81
CA THR A 82 -8.41 -7.82 23.01
C THR A 82 -7.13 -8.51 22.57
N SER A 83 -6.13 -8.54 23.46
CA SER A 83 -4.89 -9.26 23.22
C SER A 83 -4.34 -8.94 21.82
N VAL A 84 -4.13 -7.65 21.55
CA VAL A 84 -3.66 -7.21 20.21
C VAL A 84 -2.36 -7.90 19.79
N GLN A 85 -2.28 -8.22 18.50
CA GLN A 85 -1.11 -8.89 17.91
C GLN A 85 -0.44 -7.97 16.91
N ALA A 86 0.85 -8.18 16.70
CA ALA A 86 1.64 -7.36 15.78
C ALA A 86 0.95 -7.28 14.41
N GLU A 87 0.33 -8.38 13.99
CA GLU A 87 -0.31 -8.43 12.67
C GLU A 87 -1.60 -7.61 12.55
N ASP A 88 -2.08 -7.09 13.69
CA ASP A 88 -3.31 -6.31 13.69
C ASP A 88 -3.12 -4.85 13.19
N LEU A 89 -1.88 -4.43 12.97
CA LEU A 89 -1.55 -3.16 12.29
C LEU A 89 -2.46 -3.00 11.07
N ALA A 90 -3.25 -1.91 11.02
CA ALA A 90 -4.20 -1.72 9.91
C ALA A 90 -4.93 -0.41 10.10
N VAL A 91 -5.61 0.03 9.04
CA VAL A 91 -6.66 1.03 9.15
C VAL A 91 -8.01 0.32 9.20
N TYR A 92 -8.82 0.69 10.19
CA TYR A 92 -10.11 0.08 10.43
C TYR A 92 -11.19 1.08 10.01
N TYR A 93 -12.13 0.60 9.20
CA TYR A 93 -13.23 1.42 8.68
C TYR A 93 -14.56 0.87 9.12
N CYS A 94 -15.46 1.73 9.58
CA CYS A 94 -16.83 1.26 9.71
C CYS A 94 -17.60 1.73 8.47
N LYS A 95 -18.72 1.09 8.20
CA LYS A 95 -19.50 1.35 7.02
C LYS A 95 -20.99 1.09 7.29
N GLN A 96 -21.83 2.05 6.99
CA GLN A 96 -23.29 1.89 7.15
C GLN A 96 -23.82 1.37 5.82
N SER A 97 -24.84 0.52 5.89
CA SER A 97 -25.57 0.07 4.70
C SER A 97 -27.10 0.21 4.88
N TYR A 98 -27.46 1.12 5.77
CA TYR A 98 -28.85 1.43 6.03
C TYR A 98 -29.51 2.21 4.86
N ASN A 99 -28.77 3.14 4.26
CA ASN A 99 -29.25 3.99 3.15
C ASN A 99 -28.09 4.03 2.14
N LEU A 100 -28.20 3.22 1.09
CA LEU A 100 -27.02 2.95 0.23
C LEU A 100 -25.83 2.58 1.13
N ARG A 101 -24.63 3.12 0.89
CA ARG A 101 -23.47 2.83 1.77
C ARG A 101 -22.56 4.04 1.88
N THR A 102 -22.00 4.22 3.09
CA THR A 102 -21.06 5.27 3.37
C THR A 102 -20.05 4.75 4.36
N PHE A 103 -18.78 5.05 4.11
CA PHE A 103 -17.65 4.68 4.98
C PHE A 103 -17.27 5.83 5.93
N GLY A 104 -16.79 5.48 7.12
CA GLY A 104 -16.19 6.48 8.00
C GLY A 104 -14.79 6.71 7.48
N GLY A 105 -14.05 7.62 8.13
CA GLY A 105 -12.73 8.05 7.69
C GLY A 105 -11.56 7.16 8.10
N GLY A 106 -11.84 6.11 8.88
CA GLY A 106 -10.85 5.16 9.33
C GLY A 106 -10.13 5.50 10.63
N THR A 107 -9.72 4.46 11.35
CA THR A 107 -8.80 4.66 12.45
C THR A 107 -7.52 3.86 12.16
N LYS A 108 -6.39 4.54 12.18
N LYS A 108 -6.37 4.53 12.21
CA LYS A 108 -5.12 3.85 11.97
CA LYS A 108 -5.08 3.87 11.92
C LYS A 108 -4.72 3.24 13.31
C LYS A 108 -4.48 3.28 13.20
N LEU A 109 -4.40 1.95 13.29
CA LEU A 109 -3.83 1.26 14.46
C LEU A 109 -2.35 0.88 14.24
N GLU A 110 -1.48 1.45 15.08
CA GLU A 110 -0.07 1.05 15.06
C GLU A 110 0.30 0.28 16.33
N ILE A 111 1.50 -0.30 16.31
CA ILE A 111 1.91 -1.19 17.41
C ILE A 111 3.13 -0.56 18.11
N LYS A 112 3.06 -0.51 19.43
CA LYS A 112 4.21 -0.08 20.22
C LYS A 112 5.07 -1.29 20.52
N ARG A 113 6.38 -1.11 20.45
CA ARG A 113 7.33 -2.15 20.84
C ARG A 113 8.58 -1.52 21.50
N ALA A 114 9.50 -2.38 21.97
CA ALA A 114 10.81 -1.97 22.49
C ALA A 114 11.58 -1.15 21.44
N ASP A 115 12.34 -0.14 21.88
CA ASP A 115 13.22 0.59 20.94
C ASP A 115 14.17 -0.38 20.23
N ALA A 116 14.43 -0.12 18.95
CA ALA A 116 15.31 -0.97 18.18
C ALA A 116 16.17 -0.11 17.25
N ALA A 117 17.47 -0.37 17.28
CA ALA A 117 18.41 0.41 16.47
C ALA A 117 18.29 0.01 14.98
N PRO A 118 18.47 0.99 14.07
CA PRO A 118 18.45 0.60 12.66
C PRO A 118 19.68 -0.18 12.26
N THR A 119 19.51 -1.00 11.23
CA THR A 119 20.62 -1.64 10.51
C THR A 119 20.82 -0.84 9.22
N VAL A 120 22.01 -0.26 9.07
CA VAL A 120 22.28 0.74 8.05
C VAL A 120 23.21 0.14 6.98
N SER A 121 22.81 0.28 5.72
CA SER A 121 23.60 -0.19 4.58
C SER A 121 23.71 0.90 3.53
N ILE A 122 24.90 1.10 2.97
CA ILE A 122 25.12 2.10 1.91
C ILE A 122 25.54 1.40 0.60
N PHE A 123 25.10 1.99 -0.54
CA PHE A 123 25.33 1.41 -1.87
C PHE A 123 25.80 2.45 -2.85
N PRO A 124 26.97 2.20 -3.50
CA PRO A 124 27.47 3.10 -4.53
C PRO A 124 26.57 3.06 -5.78
N PRO A 125 26.69 4.08 -6.67
CA PRO A 125 26.02 4.00 -7.97
C PRO A 125 26.50 2.74 -8.75
N SER A 126 25.57 2.16 -9.51
CA SER A 126 25.89 1.02 -10.40
C SER A 126 26.58 1.52 -11.66
N SER A 127 27.40 0.68 -12.30
CA SER A 127 28.03 1.06 -13.56
C SER A 127 26.95 1.31 -14.63
N GLU A 128 25.86 0.54 -14.59
CA GLU A 128 24.75 0.75 -15.56
C GLU A 128 24.13 2.16 -15.46
N GLN A 129 24.02 2.73 -14.25
CA GLN A 129 23.51 4.11 -14.11
C GLN A 129 24.53 5.17 -14.57
N LEU A 130 25.78 4.97 -14.18
CA LEU A 130 26.87 5.92 -14.43
C LEU A 130 27.08 6.07 -15.93
N THR A 131 26.95 4.96 -16.65
CA THR A 131 27.07 5.03 -18.10
C THR A 131 26.08 6.05 -18.71
N SER A 132 24.90 6.24 -18.10
CA SER A 132 23.93 7.18 -18.66
C SER A 132 24.05 8.61 -18.10
N GLY A 133 25.07 8.84 -17.27
CA GLY A 133 25.39 10.20 -16.81
C GLY A 133 24.92 10.58 -15.43
N GLY A 134 24.28 9.62 -14.73
CA GLY A 134 23.70 9.86 -13.40
C GLY A 134 24.37 9.04 -12.32
N ALA A 135 24.21 9.47 -11.05
CA ALA A 135 24.83 8.75 -9.93
C ALA A 135 23.94 8.81 -8.70
N SER A 136 23.28 7.69 -8.40
CA SER A 136 22.48 7.63 -7.19
C SER A 136 23.18 6.81 -6.13
N VAL A 137 23.29 7.41 -4.95
CA VAL A 137 23.81 6.69 -3.77
C VAL A 137 22.63 6.41 -2.82
N VAL A 138 22.55 5.17 -2.36
CA VAL A 138 21.38 4.72 -1.57
C VAL A 138 21.80 4.28 -0.17
N CYS A 139 20.98 4.62 0.81
CA CYS A 139 21.16 4.10 2.16
C CYS A 139 19.83 3.57 2.64
N PHE A 140 19.86 2.32 3.12
CA PHE A 140 18.74 1.70 3.79
C PHE A 140 19.04 1.79 5.27
N LEU A 141 18.03 2.20 6.02
CA LEU A 141 18.08 2.21 7.48
C LEU A 141 16.91 1.34 7.89
N ASN A 142 17.20 0.09 8.28
CA ASN A 142 16.17 -0.96 8.37
C ASN A 142 15.85 -1.48 9.75
N ASN A 143 14.55 -1.76 9.98
CA ASN A 143 14.03 -2.43 11.17
C ASN A 143 14.39 -1.72 12.47
N PHE A 144 14.02 -0.44 12.53
CA PHE A 144 14.20 0.35 13.76
C PHE A 144 12.88 0.78 14.38
N TYR A 145 12.98 1.28 15.61
CA TYR A 145 11.82 1.75 16.37
C TYR A 145 12.30 2.69 17.47
N PRO A 146 11.62 3.85 17.65
CA PRO A 146 10.39 4.39 17.02
C PRO A 146 10.68 4.91 15.61
N LYS A 147 9.65 5.43 14.95
CA LYS A 147 9.73 5.84 13.55
C LYS A 147 10.63 7.08 13.30
N ASP A 148 10.74 7.93 14.31
CA ASP A 148 11.49 9.16 14.13
C ASP A 148 12.97 8.86 14.00
N ILE A 149 13.53 9.39 12.92
CA ILE A 149 14.93 9.21 12.61
C ILE A 149 15.45 10.36 11.76
N ASN A 150 16.73 10.64 11.88
CA ASN A 150 17.35 11.71 11.14
C ASN A 150 18.48 11.10 10.33
N VAL A 151 18.54 11.45 9.04
CA VAL A 151 19.62 10.98 8.17
C VAL A 151 20.30 12.18 7.55
N LYS A 152 21.63 12.21 7.57
CA LYS A 152 22.28 13.21 6.76
C LYS A 152 23.29 12.55 5.84
N TRP A 153 23.50 13.21 4.73
CA TRP A 153 24.53 12.80 3.79
C TRP A 153 25.73 13.72 3.92
N LYS A 154 26.90 13.11 3.95
CA LYS A 154 28.13 13.85 3.96
C LYS A 154 28.97 13.40 2.78
N ILE A 155 29.55 14.36 2.10
CA ILE A 155 30.39 14.15 0.93
C ILE A 155 31.75 14.78 1.24
N ASP A 156 32.80 13.95 1.30
CA ASP A 156 34.13 14.37 1.72
C ASP A 156 34.08 15.14 3.05
N GLY A 157 33.35 14.56 4.01
CA GLY A 157 33.23 15.17 5.35
C GLY A 157 32.27 16.35 5.50
N SER A 158 31.67 16.81 4.40
CA SER A 158 30.73 17.94 4.46
C SER A 158 29.28 17.55 4.20
N GLU A 159 28.38 18.02 5.08
CA GLU A 159 26.94 17.73 4.95
C GLU A 159 26.35 18.28 3.65
N ARG A 160 25.61 17.42 2.95
CA ARG A 160 24.88 17.83 1.75
C ARG A 160 23.38 17.64 1.96
N GLY A 163 18.74 17.17 -3.68
CA GLY A 163 18.98 15.94 -4.45
C GLY A 163 18.78 14.65 -3.66
N VAL A 164 18.02 14.73 -2.56
CA VAL A 164 17.71 13.61 -1.66
C VAL A 164 16.22 13.16 -1.71
N LEU A 165 16.01 11.86 -1.82
CA LEU A 165 14.68 11.22 -1.83
C LEU A 165 14.59 10.38 -0.59
N ASN A 166 13.70 10.71 0.34
CA ASN A 166 13.48 9.86 1.51
C ASN A 166 12.11 9.16 1.45
N SER A 167 12.07 7.92 1.91
CA SER A 167 10.83 7.12 1.95
C SER A 167 10.82 6.19 3.14
N TRP A 168 9.70 6.16 3.88
CA TRP A 168 9.49 5.26 5.00
C TRP A 168 8.44 4.24 4.62
N THR A 169 8.67 3.02 5.08
CA THR A 169 7.69 1.94 4.96
C THR A 169 6.62 2.14 6.02
N ASP A 170 5.46 1.49 5.82
CA ASP A 170 4.48 1.33 6.88
C ASP A 170 5.15 0.41 7.91
N GLN A 171 4.65 0.43 9.14
CA GLN A 171 5.17 -0.47 10.16
C GLN A 171 5.09 -1.90 9.68
N ASP A 172 6.07 -2.69 10.11
CA ASP A 172 6.15 -4.10 9.74
C ASP A 172 5.14 -4.94 10.53
N SER A 173 4.37 -5.77 9.83
CA SER A 173 3.34 -6.67 10.46
C SER A 173 3.86 -7.78 11.37
N LYS A 174 5.16 -8.06 11.27
CA LYS A 174 5.77 -9.16 12.01
C LYS A 174 6.58 -8.70 13.23
N ASP A 175 7.50 -7.75 13.03
CA ASP A 175 8.32 -7.25 14.14
C ASP A 175 7.96 -5.83 14.61
N SER A 176 6.97 -5.20 13.98
CA SER A 176 6.52 -3.86 14.45
C SER A 176 7.58 -2.74 14.33
N THR A 177 8.58 -2.94 13.48
CA THR A 177 9.60 -1.91 13.23
C THR A 177 9.28 -1.07 11.98
N TYR A 178 10.10 -0.05 11.76
CA TYR A 178 10.00 0.81 10.59
C TYR A 178 11.29 0.72 9.79
N SER A 179 11.21 1.09 8.52
CA SER A 179 12.41 1.12 7.69
C SER A 179 12.35 2.39 6.86
N MET A 180 13.51 2.90 6.45
CA MET A 180 13.57 4.08 5.63
C MET A 180 14.64 3.88 4.59
N SER A 181 14.42 4.46 3.42
CA SER A 181 15.42 4.50 2.36
C SER A 181 15.72 5.98 2.00
N SER A 182 16.99 6.30 1.83
CA SER A 182 17.41 7.66 1.45
C SER A 182 18.27 7.52 0.22
N THR A 183 17.91 8.27 -0.83
CA THR A 183 18.65 8.26 -2.08
C THR A 183 19.17 9.64 -2.44
N LEU A 184 20.49 9.76 -2.56
CA LEU A 184 21.11 10.99 -3.01
C LEU A 184 21.48 10.85 -4.48
N THR A 185 20.93 11.73 -5.31
CA THR A 185 21.25 11.71 -6.75
C THR A 185 22.12 12.90 -7.19
N LEU A 186 23.25 12.56 -7.81
CA LEU A 186 24.19 13.54 -8.39
C LEU A 186 24.35 13.28 -9.89
N THR A 187 24.90 14.26 -10.60
CA THR A 187 25.43 13.99 -11.93
C THR A 187 26.67 13.13 -11.79
N LYS A 188 26.99 12.39 -12.86
CA LYS A 188 28.21 11.64 -12.88
C LYS A 188 29.44 12.56 -12.64
N ASP A 189 29.45 13.72 -13.31
CA ASP A 189 30.59 14.65 -13.17
C ASP A 189 30.76 15.09 -11.71
N GLU A 190 29.66 15.40 -11.03
CA GLU A 190 29.77 15.86 -9.64
C GLU A 190 30.18 14.70 -8.75
N TYR A 191 29.57 13.54 -8.96
CA TYR A 191 30.00 12.33 -8.27
C TYR A 191 31.51 12.09 -8.33
N GLU A 192 32.09 12.30 -9.50
CA GLU A 192 33.49 11.97 -9.71
C GLU A 192 34.44 13.05 -9.15
N ARG A 193 33.89 14.12 -8.56
CA ARG A 193 34.73 15.18 -7.97
C ARG A 193 35.05 14.93 -6.52
N HIS A 194 34.39 13.93 -5.94
CA HIS A 194 34.54 13.68 -4.53
C HIS A 194 34.79 12.21 -4.29
N ASN A 195 35.29 11.92 -3.09
CA ASN A 195 35.70 10.57 -2.77
C ASN A 195 34.82 9.87 -1.75
N SER A 196 34.63 10.52 -0.59
CA SER A 196 33.92 9.94 0.55
C SER A 196 32.42 10.26 0.55
N TYR A 197 31.61 9.19 0.61
CA TYR A 197 30.16 9.30 0.61
C TYR A 197 29.66 8.65 1.86
N THR A 198 28.96 9.42 2.71
CA THR A 198 28.59 8.90 4.02
C THR A 198 27.11 9.11 4.27
N CYS A 199 26.42 8.05 4.73
CA CYS A 199 25.06 8.06 5.26
C CYS A 199 25.18 8.07 6.79
N GLU A 200 24.67 9.09 7.49
CA GLU A 200 24.72 9.15 8.97
C GLU A 200 23.32 9.12 9.56
N ALA A 201 23.03 8.12 10.38
CA ALA A 201 21.69 7.98 10.96
C ALA A 201 21.74 8.25 12.45
N THR A 202 20.96 9.25 12.86
CA THR A 202 20.73 9.54 14.28
C THR A 202 19.31 9.17 14.72
N HIS A 203 19.29 8.31 15.72
CA HIS A 203 18.07 7.66 16.21
C HIS A 203 18.23 7.62 17.73
N LYS A 204 17.13 7.66 18.47
CA LYS A 204 17.19 7.71 19.94
C LYS A 204 17.95 6.56 20.61
N THR A 205 18.10 5.43 19.91
CA THR A 205 18.70 4.21 20.46
C THR A 205 20.19 4.33 20.77
N SER A 206 20.84 5.37 20.26
CA SER A 206 22.24 5.66 20.59
C SER A 206 22.57 7.15 20.45
N THR A 207 23.45 7.60 21.34
CA THR A 207 23.91 8.95 21.26
C THR A 207 24.99 8.95 20.18
N SER A 208 25.51 7.76 19.83
CA SER A 208 26.45 7.55 18.72
C SER A 208 25.61 7.36 17.43
N PRO A 209 25.78 8.26 16.44
CA PRO A 209 25.15 7.99 15.14
C PRO A 209 25.75 6.75 14.47
N ILE A 210 24.93 6.09 13.66
CA ILE A 210 25.37 4.95 12.88
C ILE A 210 25.87 5.56 11.58
N VAL A 211 27.13 5.29 11.29
CA VAL A 211 27.78 5.88 10.12
C VAL A 211 28.08 4.75 9.14
N LYS A 212 27.58 4.86 7.90
CA LYS A 212 28.05 3.96 6.84
C LYS A 212 28.64 4.78 5.73
N SER A 213 29.79 4.34 5.23
CA SER A 213 30.50 5.14 4.25
C SER A 213 31.14 4.24 3.20
N PHE A 214 31.39 4.83 2.03
CA PHE A 214 32.28 4.18 1.06
C PHE A 214 33.12 5.28 0.40
N ASN A 215 34.24 4.88 -0.21
CA ASN A 215 35.10 5.80 -0.94
C ASN A 215 35.12 5.43 -2.41
N ARG A 216 34.95 6.41 -3.29
CA ARG A 216 34.82 6.10 -4.71
C ARG A 216 36.08 5.36 -5.21
N ASN A 217 37.24 5.70 -4.62
CA ASN A 217 38.53 5.08 -5.00
C ASN A 217 38.64 3.57 -4.73
N GLU A 218 37.85 3.07 -3.79
CA GLU A 218 37.88 1.69 -3.36
C GLU A 218 36.91 0.84 -4.15
N CYS A 219 36.08 1.49 -4.96
CA CYS A 219 35.04 0.79 -5.70
C CYS A 219 35.69 -0.10 -6.75
N GLU B 1 -13.53 -21.59 -4.64
CA GLU B 1 -13.22 -20.37 -3.84
C GLU B 1 -13.50 -19.06 -4.62
N VAL B 2 -13.80 -18.00 -3.88
CA VAL B 2 -14.27 -16.77 -4.51
C VAL B 2 -13.12 -15.91 -5.03
N LYS B 3 -13.27 -15.44 -6.28
CA LYS B 3 -12.31 -14.56 -6.95
C LYS B 3 -12.98 -13.29 -7.51
N LEU B 4 -12.39 -12.14 -7.20
CA LEU B 4 -12.75 -10.86 -7.82
C LEU B 4 -11.48 -10.22 -8.36
N VAL B 5 -11.46 -9.97 -9.66
CA VAL B 5 -10.24 -9.46 -10.32
C VAL B 5 -10.50 -8.19 -11.18
N GLU B 6 -9.99 -7.06 -10.71
CA GLU B 6 -10.17 -5.78 -11.42
C GLU B 6 -9.13 -5.70 -12.52
N SER B 7 -9.51 -5.01 -13.60
CA SER B 7 -8.62 -4.63 -14.67
C SER B 7 -9.08 -3.31 -15.24
N GLY B 8 -8.21 -2.65 -16.00
CA GLY B 8 -8.57 -1.45 -16.75
C GLY B 8 -7.98 -0.15 -16.25
N GLY B 9 -7.45 -0.15 -15.04
CA GLY B 9 -6.78 1.02 -14.49
C GLY B 9 -5.48 1.36 -15.23
N GLY B 10 -5.05 2.58 -15.05
CA GLY B 10 -3.87 3.10 -15.72
C GLY B 10 -3.99 4.60 -15.82
N LEU B 11 -3.26 5.15 -16.77
CA LEU B 11 -3.10 6.58 -16.98
C LEU B 11 -4.11 7.10 -17.99
N VAL B 12 -4.75 8.21 -17.64
CA VAL B 12 -5.75 8.83 -18.52
C VAL B 12 -5.68 10.35 -18.34
N GLN B 13 -5.95 11.10 -19.40
CA GLN B 13 -5.86 12.56 -19.28
C GLN B 13 -7.15 13.15 -18.68
N SER B 14 -7.00 14.32 -18.06
CA SER B 14 -8.13 15.13 -17.57
C SER B 14 -9.18 15.29 -18.67
N GLY B 15 -10.45 15.03 -18.33
CA GLY B 15 -11.56 15.09 -19.28
C GLY B 15 -11.82 13.79 -20.01
N GLY B 16 -10.86 12.87 -19.91
CA GLY B 16 -10.95 11.56 -20.52
C GLY B 16 -11.92 10.62 -19.84
N SER B 17 -12.08 9.46 -20.45
CA SER B 17 -12.96 8.42 -19.93
C SER B 17 -12.14 7.16 -19.77
N LEU B 18 -12.65 6.28 -18.91
CA LEU B 18 -12.01 5.00 -18.68
C LEU B 18 -13.08 4.05 -18.21
N ARG B 19 -12.98 2.79 -18.65
CA ARG B 19 -13.87 1.80 -18.13
C ARG B 19 -13.08 0.69 -17.46
N LEU B 20 -13.45 0.37 -16.23
CA LEU B 20 -12.87 -0.70 -15.44
C LEU B 20 -13.72 -1.95 -15.53
N SER B 21 -13.08 -3.09 -15.36
CA SER B 21 -13.80 -4.35 -15.27
C SER B 21 -13.43 -5.11 -14.00
N CYS B 22 -14.33 -6.00 -13.59
CA CYS B 22 -14.15 -6.82 -12.40
C CYS B 22 -14.70 -8.19 -12.74
N ALA B 23 -13.81 -9.12 -13.02
CA ALA B 23 -14.19 -10.50 -13.36
C ALA B 23 -14.34 -11.28 -12.06
N THR B 24 -15.43 -12.04 -11.95
CA THR B 24 -15.69 -12.80 -10.72
C THR B 24 -15.87 -14.29 -10.96
N SER B 25 -15.74 -15.05 -9.87
CA SER B 25 -15.96 -16.51 -9.93
C SER B 25 -16.12 -17.15 -8.53
N GLY B 26 -16.80 -18.30 -8.48
CA GLY B 26 -16.87 -19.09 -7.26
C GLY B 26 -18.04 -18.75 -6.36
N PHE B 27 -19.02 -18.04 -6.92
CA PHE B 27 -20.33 -17.75 -6.30
C PHE B 27 -21.33 -17.45 -7.42
N THR B 28 -22.61 -17.56 -7.10
CA THR B 28 -23.69 -17.28 -8.06
C THR B 28 -23.86 -15.77 -8.27
N PHE B 29 -23.28 -15.29 -9.38
CA PHE B 29 -23.15 -13.86 -9.69
C PHE B 29 -24.48 -13.16 -9.57
N THR B 30 -25.51 -13.72 -10.23
CA THR B 30 -26.80 -13.03 -10.32
C THR B 30 -27.53 -12.88 -8.97
N ASP B 31 -27.14 -13.66 -7.98
CA ASP B 31 -27.75 -13.58 -6.65
C ASP B 31 -27.28 -12.33 -5.89
N TYR B 32 -26.20 -11.73 -6.38
CA TYR B 32 -25.50 -10.70 -5.60
C TYR B 32 -25.54 -9.29 -6.19
N TYR B 33 -25.77 -8.32 -5.31
CA TYR B 33 -25.45 -6.93 -5.63
C TYR B 33 -23.93 -6.86 -5.78
N MET B 34 -23.47 -5.85 -6.51
CA MET B 34 -22.02 -5.62 -6.59
C MET B 34 -21.78 -4.14 -6.44
N SER B 35 -20.77 -3.78 -5.64
CA SER B 35 -20.42 -2.37 -5.44
C SER B 35 -19.08 -2.00 -6.05
N TRP B 36 -18.89 -0.70 -6.33
CA TRP B 36 -17.53 -0.16 -6.54
C TRP B 36 -17.20 0.81 -5.41
N VAL B 37 -15.93 0.79 -5.02
CA VAL B 37 -15.41 1.62 -3.94
C VAL B 37 -14.06 2.13 -4.43
N ARG B 38 -13.74 3.39 -4.14
CA ARG B 38 -12.37 3.88 -4.44
C ARG B 38 -11.61 4.42 -3.22
N GLN B 39 -10.32 4.59 -3.42
CA GLN B 39 -9.44 5.08 -2.34
C GLN B 39 -8.30 5.89 -2.95
N PRO B 40 -8.33 7.22 -2.78
CA PRO B 40 -7.18 8.02 -3.19
C PRO B 40 -6.01 7.59 -2.28
N PRO B 41 -4.78 7.62 -2.84
CA PRO B 41 -3.56 7.27 -2.07
C PRO B 41 -3.55 7.95 -0.70
N GLY B 42 -3.38 7.15 0.37
CA GLY B 42 -3.34 7.64 1.77
C GLY B 42 -4.64 8.21 2.37
N LYS B 43 -5.76 8.01 1.67
CA LYS B 43 -7.06 8.56 2.09
C LYS B 43 -8.10 7.45 2.32
N ALA B 44 -9.30 7.86 2.75
CA ALA B 44 -10.35 6.93 3.15
C ALA B 44 -11.00 6.21 1.96
N LEU B 45 -11.63 5.06 2.23
CA LEU B 45 -12.51 4.38 1.27
C LEU B 45 -13.72 5.29 0.98
N GLU B 46 -14.16 5.32 -0.29
CA GLU B 46 -15.38 6.04 -0.69
C GLU B 46 -16.25 5.10 -1.56
N TRP B 47 -17.46 4.89 -1.09
CA TRP B 47 -18.42 4.08 -1.82
C TRP B 47 -18.91 4.89 -3.02
N LEU B 48 -18.91 4.24 -4.21
CA LEU B 48 -19.34 4.94 -5.48
C LEU B 48 -20.75 4.60 -6.02
N GLY B 49 -21.14 3.34 -5.86
CA GLY B 49 -22.40 2.86 -6.42
C GLY B 49 -22.50 1.37 -6.38
N PHE B 50 -23.70 0.90 -6.70
CA PHE B 50 -23.90 -0.55 -6.78
C PHE B 50 -24.87 -0.86 -7.89
N ILE B 51 -24.90 -2.13 -8.28
CA ILE B 51 -25.91 -2.65 -9.18
C ILE B 51 -26.54 -3.85 -8.49
N ARG B 52 -27.88 -3.87 -8.48
CA ARG B 52 -28.62 -4.86 -7.69
C ARG B 52 -28.61 -6.25 -8.33
N ASN B 53 -29.13 -7.24 -7.59
CA ASN B 53 -29.15 -8.60 -8.10
C ASN B 53 -30.32 -8.85 -9.03
N LYS B 54 -30.40 -10.08 -9.53
CA LYS B 54 -31.47 -10.46 -10.43
C LYS B 54 -32.86 -10.25 -9.80
N ALA B 55 -33.05 -10.68 -8.56
CA ALA B 55 -34.34 -10.52 -7.88
C ALA B 55 -34.81 -9.06 -7.80
N ASN B 56 -33.84 -8.13 -7.82
CA ASN B 56 -34.10 -6.69 -7.78
C ASN B 56 -33.91 -5.95 -9.13
N GLY B 57 -33.96 -6.69 -10.23
CA GLY B 57 -33.99 -6.09 -11.58
C GLY B 57 -32.72 -5.40 -12.06
N TYR B 58 -31.61 -5.75 -11.42
CA TYR B 58 -30.26 -5.28 -11.79
C TYR B 58 -30.19 -3.72 -11.86
N THR B 59 -30.92 -3.04 -10.98
CA THR B 59 -31.02 -1.59 -11.01
C THR B 59 -29.80 -0.99 -10.31
N THR B 60 -29.47 0.24 -10.65
CA THR B 60 -28.24 0.92 -10.15
C THR B 60 -28.54 2.06 -9.17
N GLU B 61 -27.57 2.34 -8.30
CA GLU B 61 -27.61 3.52 -7.41
C GLU B 61 -26.20 4.07 -7.30
N TYR B 62 -26.06 5.39 -7.08
CA TYR B 62 -24.74 6.05 -7.09
C TYR B 62 -24.60 7.01 -5.95
N SER B 63 -23.37 7.16 -5.46
N SER B 63 -23.38 7.15 -5.44
CA SER B 63 -23.09 8.24 -4.52
CA SER B 63 -23.10 8.21 -4.47
C SER B 63 -23.48 9.54 -5.21
C SER B 63 -23.42 9.53 -5.18
N PRO B 64 -23.98 10.49 -4.44
CA PRO B 64 -24.12 11.85 -4.96
C PRO B 64 -22.84 12.44 -5.61
N SER B 65 -21.67 11.99 -5.17
CA SER B 65 -20.37 12.48 -5.64
C SER B 65 -20.07 12.13 -7.11
N VAL B 66 -20.66 11.05 -7.62
CA VAL B 66 -20.36 10.60 -8.99
C VAL B 66 -21.60 10.30 -9.85
N LYS B 67 -22.78 10.37 -9.25
CA LYS B 67 -24.05 10.27 -10.00
C LYS B 67 -24.05 11.21 -11.21
N GLY B 68 -24.39 10.66 -12.37
CA GLY B 68 -24.43 11.39 -13.63
C GLY B 68 -23.15 11.29 -14.44
N ARG B 69 -22.05 10.89 -13.79
CA ARG B 69 -20.75 10.91 -14.41
C ARG B 69 -20.15 9.49 -14.57
N PHE B 70 -20.43 8.63 -13.59
CA PHE B 70 -20.04 7.22 -13.61
C PHE B 70 -21.28 6.34 -13.83
N THR B 71 -21.08 5.22 -14.51
CA THR B 71 -22.14 4.26 -14.82
C THR B 71 -21.67 2.85 -14.52
N ILE B 72 -22.47 2.09 -13.80
CA ILE B 72 -22.14 0.71 -13.47
C ILE B 72 -23.03 -0.21 -14.33
N SER B 73 -22.43 -1.29 -14.83
CA SER B 73 -23.19 -2.32 -15.55
C SER B 73 -22.63 -3.68 -15.21
N ARG B 74 -23.32 -4.74 -15.66
CA ARG B 74 -22.85 -6.09 -15.41
C ARG B 74 -23.22 -6.98 -16.60
N ASP B 75 -22.38 -7.98 -16.83
CA ASP B 75 -22.63 -9.05 -17.81
C ASP B 75 -22.90 -10.31 -17.04
N ASN B 76 -24.17 -10.71 -17.01
CA ASN B 76 -24.59 -11.86 -16.20
C ASN B 76 -24.24 -13.22 -16.82
N SER B 77 -23.97 -13.21 -18.13
N SER B 77 -24.02 -13.22 -18.13
CA SER B 77 -23.52 -14.40 -18.88
CA SER B 77 -23.52 -14.42 -18.81
C SER B 77 -22.04 -14.76 -18.63
C SER B 77 -22.12 -14.79 -18.31
N GLN B 78 -21.25 -13.78 -18.22
CA GLN B 78 -19.83 -13.98 -17.92
C GLN B 78 -19.40 -13.67 -16.49
N SER B 79 -20.35 -13.24 -15.65
CA SER B 79 -20.05 -12.86 -14.28
C SER B 79 -18.98 -11.71 -14.17
N ILE B 80 -19.11 -10.72 -15.04
CA ILE B 80 -18.23 -9.52 -15.02
C ILE B 80 -19.00 -8.21 -14.70
N LEU B 81 -18.41 -7.40 -13.82
CA LEU B 81 -18.91 -6.09 -13.40
C LEU B 81 -18.07 -4.99 -14.03
N TYR B 82 -18.75 -3.94 -14.48
CA TYR B 82 -18.11 -2.81 -15.13
C TYR B 82 -18.36 -1.47 -14.41
N LEU B 83 -17.42 -0.54 -14.56
CA LEU B 83 -17.54 0.84 -14.13
C LEU B 83 -17.05 1.74 -15.23
N GLN B 84 -17.98 2.49 -15.81
CA GLN B 84 -17.64 3.44 -16.83
C GLN B 84 -17.50 4.79 -16.15
N MET B 85 -16.32 5.39 -16.29
CA MET B 85 -16.02 6.72 -15.77
C MET B 85 -15.81 7.76 -16.88
N ASN B 86 -16.50 8.90 -16.75
CA ASN B 86 -16.42 9.99 -17.71
C ASN B 86 -15.93 11.29 -17.09
N THR B 87 -15.41 12.19 -17.94
CA THR B 87 -14.94 13.52 -17.53
C THR B 87 -14.04 13.44 -16.29
N LEU B 88 -12.99 12.64 -16.41
CA LEU B 88 -12.13 12.36 -15.28
C LEU B 88 -11.35 13.60 -14.84
N ARG B 89 -11.12 13.74 -13.56
CA ARG B 89 -10.30 14.82 -13.04
C ARG B 89 -9.25 14.27 -12.06
N ALA B 90 -8.27 15.11 -11.72
CA ALA B 90 -7.20 14.68 -10.82
C ALA B 90 -7.75 14.05 -9.52
N GLU B 91 -8.88 14.57 -9.04
CA GLU B 91 -9.55 14.05 -7.84
C GLU B 91 -10.03 12.59 -7.94
N ASP B 92 -10.18 12.10 -9.17
CA ASP B 92 -10.56 10.72 -9.45
C ASP B 92 -9.38 9.75 -9.40
N SER B 93 -8.16 10.26 -9.28
CA SER B 93 -6.97 9.39 -9.14
C SER B 93 -7.09 8.61 -7.84
N ALA B 94 -7.07 7.28 -7.93
CA ALA B 94 -7.43 6.43 -6.83
C ALA B 94 -7.27 4.97 -7.22
N THR B 95 -7.19 4.15 -6.17
CA THR B 95 -7.38 2.71 -6.34
C THR B 95 -8.87 2.39 -6.35
N TYR B 96 -9.31 1.66 -7.37
CA TYR B 96 -10.73 1.30 -7.52
C TYR B 96 -10.88 -0.17 -7.22
N TYR B 97 -11.78 -0.49 -6.28
CA TYR B 97 -12.10 -1.88 -5.87
C TYR B 97 -13.53 -2.26 -6.27
N CYS B 98 -13.73 -3.52 -6.71
CA CYS B 98 -15.10 -4.08 -6.70
C CYS B 98 -15.23 -4.93 -5.42
N ALA B 99 -16.45 -5.02 -4.92
CA ALA B 99 -16.76 -5.82 -3.71
C ALA B 99 -18.10 -6.50 -3.95
N ARG B 100 -18.20 -7.76 -3.55
CA ARG B 100 -19.49 -8.42 -3.53
C ARG B 100 -20.33 -7.72 -2.45
N ASP B 101 -21.60 -7.46 -2.76
CA ASP B 101 -22.45 -6.70 -1.83
C ASP B 101 -23.64 -7.60 -1.41
N HIS B 102 -24.81 -6.98 -1.18
CA HIS B 102 -26.04 -7.59 -0.67
C HIS B 102 -26.52 -8.81 -1.46
N ASP B 103 -27.08 -9.80 -0.77
CA ASP B 103 -27.73 -10.92 -1.46
C ASP B 103 -29.23 -10.94 -1.14
N GLY B 104 -29.74 -9.82 -0.61
CA GLY B 104 -31.13 -9.71 -0.18
C GLY B 104 -31.32 -10.01 1.29
N TYR B 105 -30.28 -10.49 1.96
CA TYR B 105 -30.38 -10.91 3.36
C TYR B 105 -29.25 -10.34 4.23
N TYR B 106 -27.99 -10.64 3.88
CA TYR B 106 -26.83 -10.20 4.66
C TYR B 106 -26.45 -8.77 4.32
N GLU B 107 -26.12 -8.01 5.37
CA GLU B 107 -25.60 -6.66 5.17
C GLU B 107 -24.10 -6.66 5.41
N ARG B 108 -23.33 -6.80 4.33
CA ARG B 108 -21.87 -6.89 4.42
C ARG B 108 -21.31 -6.90 3.00
N PHE B 109 -20.05 -6.48 2.88
CA PHE B 109 -19.30 -6.65 1.63
C PHE B 109 -18.37 -7.80 1.89
N SER B 110 -18.73 -9.01 1.42
CA SER B 110 -18.00 -10.22 1.83
C SER B 110 -16.60 -10.33 1.23
N TYR B 111 -16.45 -9.84 0.00
CA TYR B 111 -15.23 -10.10 -0.78
C TYR B 111 -14.88 -8.87 -1.59
N TRP B 112 -13.58 -8.62 -1.74
CA TRP B 112 -13.08 -7.44 -2.47
C TRP B 112 -12.04 -7.91 -3.47
N GLY B 113 -11.95 -7.22 -4.61
CA GLY B 113 -10.85 -7.42 -5.55
C GLY B 113 -9.54 -6.85 -5.02
N GLN B 114 -8.45 -7.06 -5.78
CA GLN B 114 -7.13 -6.57 -5.43
C GLN B 114 -6.98 -5.05 -5.68
N GLY B 115 -7.91 -4.46 -6.44
CA GLY B 115 -7.84 -3.03 -6.73
C GLY B 115 -7.12 -2.77 -8.03
N THR B 116 -7.56 -1.73 -8.75
CA THR B 116 -6.84 -1.26 -9.93
C THR B 116 -6.60 0.26 -9.83
N LEU B 117 -5.35 0.70 -10.07
CA LEU B 117 -4.97 2.09 -9.85
C LEU B 117 -5.21 2.97 -11.08
N VAL B 118 -6.00 4.03 -10.90
CA VAL B 118 -6.27 4.98 -11.98
C VAL B 118 -5.53 6.30 -11.67
N THR B 119 -4.77 6.82 -12.64
CA THR B 119 -4.05 8.09 -12.51
C THR B 119 -4.56 9.02 -13.60
N VAL B 120 -5.09 10.15 -13.17
CA VAL B 120 -5.51 11.19 -14.11
C VAL B 120 -4.44 12.31 -14.16
N SER B 121 -3.81 12.44 -15.31
CA SER B 121 -2.63 13.29 -15.48
C SER B 121 -2.33 13.49 -16.95
N ALA B 122 -1.62 14.60 -17.25
CA ALA B 122 -1.19 14.96 -18.61
C ALA B 122 0.20 14.41 -18.92
N ALA B 123 0.89 13.93 -17.88
CA ALA B 123 2.26 13.41 -18.02
C ALA B 123 2.26 12.18 -18.93
N LYS B 124 3.37 11.96 -19.64
CA LYS B 124 3.52 10.77 -20.51
C LYS B 124 3.91 9.54 -19.67
N THR B 125 3.68 8.35 -20.20
CA THR B 125 4.18 7.14 -19.52
C THR B 125 5.71 7.10 -19.67
N THR B 126 6.43 6.79 -18.59
CA THR B 126 7.90 6.65 -18.68
C THR B 126 8.27 5.38 -17.95
N PRO B 127 8.97 4.47 -18.64
CA PRO B 127 9.38 3.21 -18.00
C PRO B 127 10.51 3.45 -17.01
N PRO B 128 10.61 2.59 -15.98
CA PRO B 128 11.66 2.82 -14.99
C PRO B 128 13.03 2.38 -15.49
N SER B 129 14.08 2.94 -14.88
CA SER B 129 15.43 2.40 -14.97
C SER B 129 15.57 1.57 -13.71
N VAL B 130 16.12 0.35 -13.85
CA VAL B 130 16.24 -0.52 -12.71
C VAL B 130 17.72 -0.78 -12.48
N TYR B 131 18.19 -0.41 -11.30
CA TYR B 131 19.63 -0.51 -10.96
C TYR B 131 19.86 -1.41 -9.75
N PRO B 132 20.89 -2.26 -9.82
CA PRO B 132 21.18 -3.17 -8.72
C PRO B 132 21.90 -2.43 -7.59
N LEU B 133 21.63 -2.88 -6.37
CA LEU B 133 22.27 -2.35 -5.19
C LEU B 133 23.07 -3.50 -4.52
N ALA B 134 24.37 -3.48 -4.79
CA ALA B 134 25.31 -4.48 -4.30
C ALA B 134 26.30 -3.74 -3.39
N PRO B 135 26.71 -4.38 -2.29
CA PRO B 135 27.64 -3.78 -1.33
C PRO B 135 28.95 -3.41 -2.04
N GLY B 136 29.52 -2.26 -1.70
CA GLY B 136 30.71 -1.77 -2.42
C GLY B 136 31.95 -2.61 -2.16
N SER B 137 32.99 -2.42 -2.97
CA SER B 137 34.26 -3.16 -2.82
C SER B 137 35.05 -2.77 -1.58
N ALA B 138 34.34 -2.53 -0.47
CA ALA B 138 34.97 -2.29 0.84
C ALA B 138 34.00 -2.43 2.01
N ALA B 139 32.73 -2.70 1.71
CA ALA B 139 31.68 -2.86 2.73
C ALA B 139 32.02 -3.93 3.78
N ASN B 142 30.24 -10.56 9.35
CA ASN B 142 28.86 -10.10 9.22
C ASN B 142 28.00 -11.25 8.71
N SER B 143 27.02 -11.65 9.52
CA SER B 143 26.22 -12.83 9.22
C SER B 143 25.19 -12.61 8.09
N MET B 144 24.53 -11.47 8.13
CA MET B 144 23.46 -11.12 7.20
C MET B 144 24.03 -10.18 6.16
N VAL B 145 23.46 -10.20 4.95
CA VAL B 145 23.84 -9.23 3.94
C VAL B 145 22.59 -8.60 3.35
N THR B 146 22.69 -7.31 3.08
CA THR B 146 21.55 -6.59 2.51
C THR B 146 21.84 -6.16 1.06
N LEU B 147 20.90 -6.47 0.16
CA LEU B 147 21.06 -6.14 -1.25
C LEU B 147 19.82 -5.30 -1.61
N GLY B 148 19.78 -4.77 -2.81
CA GLY B 148 18.60 -3.99 -3.22
C GLY B 148 18.45 -3.75 -4.72
N CYS B 149 17.33 -3.13 -5.11
CA CYS B 149 17.17 -2.60 -6.47
C CYS B 149 16.58 -1.20 -6.31
N LEU B 150 17.11 -0.32 -7.15
CA LEU B 150 16.63 1.04 -7.26
C LEU B 150 15.80 1.10 -8.54
N VAL B 151 14.53 1.48 -8.38
CA VAL B 151 13.62 1.55 -9.51
C VAL B 151 13.27 3.04 -9.76
N LYS B 152 13.96 3.63 -10.73
CA LYS B 152 14.06 5.10 -10.80
C LYS B 152 13.41 5.70 -12.03
N GLY B 153 12.67 6.78 -11.78
CA GLY B 153 12.24 7.68 -12.84
C GLY B 153 11.13 7.16 -13.74
N TYR B 154 10.06 6.63 -13.12
CA TYR B 154 8.96 6.09 -13.93
C TYR B 154 7.65 6.86 -13.69
N PHE B 155 6.70 6.72 -14.63
CA PHE B 155 5.35 7.25 -14.46
C PHE B 155 4.38 6.48 -15.38
N PRO B 156 3.13 6.23 -14.92
CA PRO B 156 2.49 6.44 -13.61
C PRO B 156 2.89 5.32 -12.66
N GLU B 157 2.44 5.39 -11.40
CA GLU B 157 2.36 4.15 -10.58
C GLU B 157 1.36 3.15 -11.22
N PRO B 158 1.43 1.87 -10.84
CA PRO B 158 2.37 1.32 -9.88
C PRO B 158 3.54 0.57 -10.56
N VAL B 159 4.42 0.06 -9.71
CA VAL B 159 5.40 -0.95 -10.12
C VAL B 159 5.26 -2.07 -9.08
N THR B 160 5.59 -3.28 -9.51
CA THR B 160 5.72 -4.42 -8.59
C THR B 160 7.17 -4.85 -8.55
N VAL B 161 7.63 -5.26 -7.37
CA VAL B 161 8.98 -5.79 -7.20
C VAL B 161 8.84 -7.06 -6.41
N THR B 162 9.47 -8.11 -6.93
CA THR B 162 9.66 -9.36 -6.19
C THR B 162 11.14 -9.72 -6.21
N TRP B 163 11.50 -10.71 -5.39
CA TRP B 163 12.88 -11.18 -5.32
C TRP B 163 12.86 -12.69 -5.56
N ASN B 164 13.74 -13.16 -6.46
CA ASN B 164 13.78 -14.57 -6.91
C ASN B 164 12.37 -15.09 -7.19
N SER B 165 11.66 -14.33 -8.03
CA SER B 165 10.30 -14.70 -8.48
C SER B 165 9.32 -14.93 -7.30
N GLY B 166 9.59 -14.29 -6.17
CA GLY B 166 8.74 -14.38 -4.98
C GLY B 166 9.11 -15.46 -3.98
N SER B 167 10.18 -16.20 -4.25
CA SER B 167 10.68 -17.21 -3.29
C SER B 167 11.44 -16.58 -2.12
N LEU B 168 12.02 -15.39 -2.36
CA LEU B 168 12.47 -14.52 -1.26
C LEU B 168 11.41 -13.47 -0.96
N SER B 169 10.71 -13.60 0.16
CA SER B 169 9.73 -12.61 0.57
C SER B 169 9.89 -12.17 2.01
N SER B 170 10.45 -13.06 2.84
CA SER B 170 10.83 -12.68 4.20
C SER B 170 12.07 -11.81 4.14
N GLY B 171 12.14 -10.81 5.01
CA GLY B 171 13.29 -9.89 5.00
C GLY B 171 13.38 -8.91 3.82
N VAL B 172 12.25 -8.69 3.14
CA VAL B 172 12.14 -7.68 2.07
C VAL B 172 11.48 -6.41 2.61
N HIS B 173 11.99 -5.26 2.17
CA HIS B 173 11.34 -3.98 2.42
C HIS B 173 11.19 -3.32 1.07
N THR B 174 9.95 -3.13 0.62
CA THR B 174 9.78 -2.40 -0.62
C THR B 174 9.20 -1.00 -0.26
N PHE B 175 10.00 0.03 -0.51
CA PHE B 175 9.72 1.38 -0.06
C PHE B 175 8.71 2.09 -0.94
N PRO B 176 7.73 2.77 -0.32
CA PRO B 176 6.74 3.48 -1.15
C PRO B 176 7.40 4.47 -2.09
N ALA B 177 6.84 4.56 -3.30
CA ALA B 177 7.34 5.47 -4.30
C ALA B 177 7.20 6.94 -3.87
N VAL B 178 8.16 7.74 -4.27
CA VAL B 178 8.11 9.19 -4.03
C VAL B 178 8.21 9.91 -5.37
N LEU B 179 7.29 10.85 -5.57
CA LEU B 179 7.23 11.68 -6.77
C LEU B 179 8.17 12.88 -6.65
N GLN B 180 9.03 13.08 -7.65
CA GLN B 180 9.99 14.20 -7.68
C GLN B 180 10.20 14.63 -9.12
N SER B 181 10.04 15.93 -9.35
CA SER B 181 9.80 16.48 -10.68
C SER B 181 9.25 15.49 -11.72
N ASP B 182 7.98 15.11 -11.50
CA ASP B 182 7.12 14.45 -12.49
C ASP B 182 7.37 12.94 -12.67
N LEU B 183 8.31 12.39 -11.89
CA LEU B 183 8.66 10.96 -11.98
C LEU B 183 8.70 10.33 -10.61
N TYR B 184 8.28 9.07 -10.56
CA TYR B 184 8.42 8.26 -9.33
C TYR B 184 9.75 7.50 -9.25
N THR B 185 10.17 7.29 -7.99
CA THR B 185 11.31 6.40 -7.74
C THR B 185 11.03 5.61 -6.52
N LEU B 186 11.38 4.31 -6.53
CA LEU B 186 11.25 3.55 -5.35
C LEU B 186 12.45 2.62 -5.25
N SER B 187 12.61 2.02 -4.07
CA SER B 187 13.69 1.05 -3.90
C SER B 187 13.17 -0.16 -3.15
N SER B 188 13.91 -1.23 -3.23
CA SER B 188 13.56 -2.40 -2.47
C SER B 188 14.82 -3.04 -1.90
N SER B 189 14.78 -3.41 -0.62
CA SER B 189 15.89 -4.15 0.01
C SER B 189 15.49 -5.58 0.32
N VAL B 190 16.48 -6.45 0.26
CA VAL B 190 16.33 -7.83 0.72
C VAL B 190 17.56 -8.20 1.59
N THR B 191 17.30 -8.85 2.72
CA THR B 191 18.39 -9.25 3.61
C THR B 191 18.44 -10.76 3.68
N VAL B 192 19.59 -11.31 3.30
CA VAL B 192 19.81 -12.76 3.26
C VAL B 192 21.08 -13.19 4.04
N PRO B 193 21.18 -14.49 4.44
CA PRO B 193 22.46 -14.95 5.01
C PRO B 193 23.66 -14.74 4.07
N SER B 194 24.79 -14.23 4.60
CA SER B 194 25.96 -13.93 3.77
C SER B 194 26.59 -15.19 3.14
N SER B 195 26.31 -16.34 3.74
CA SER B 195 26.75 -17.63 3.18
C SER B 195 26.03 -17.99 1.88
N THR B 196 24.94 -17.26 1.59
CA THR B 196 24.06 -17.60 0.48
C THR B 196 24.22 -16.70 -0.74
N TRP B 197 24.83 -15.53 -0.55
CA TRP B 197 25.12 -14.65 -1.65
C TRP B 197 26.59 -14.19 -1.53
N PRO B 198 27.35 -14.16 -2.64
CA PRO B 198 26.98 -14.48 -4.03
C PRO B 198 26.88 -15.97 -4.38
N SER B 199 27.19 -16.84 -3.43
CA SER B 199 27.07 -18.33 -3.54
C SER B 199 25.84 -18.72 -4.37
N GLU B 200 24.66 -18.27 -3.92
CA GLU B 200 23.37 -18.45 -4.62
C GLU B 200 22.98 -17.14 -5.30
N THR B 201 22.22 -17.24 -6.39
CA THR B 201 21.76 -16.05 -7.12
C THR B 201 20.65 -15.28 -6.38
N VAL B 202 20.75 -13.93 -6.43
CA VAL B 202 19.67 -13.04 -5.95
C VAL B 202 19.33 -12.08 -7.09
N THR B 203 18.04 -12.08 -7.45
CA THR B 203 17.52 -11.31 -8.58
C THR B 203 16.23 -10.57 -8.18
N CYS B 204 16.16 -9.27 -8.48
CA CYS B 204 14.88 -8.57 -8.29
C CYS B 204 14.12 -8.58 -9.63
N ASN B 205 12.84 -8.83 -9.53
CA ASN B 205 11.97 -8.84 -10.71
C ASN B 205 11.06 -7.65 -10.60
N VAL B 206 11.14 -6.75 -11.58
CA VAL B 206 10.36 -5.52 -11.54
C VAL B 206 9.40 -5.43 -12.73
N ALA B 207 8.15 -5.09 -12.44
CA ALA B 207 7.23 -4.88 -13.54
C ALA B 207 6.65 -3.46 -13.46
N HIS B 208 6.46 -2.82 -14.61
CA HIS B 208 5.76 -1.51 -14.75
C HIS B 208 4.66 -1.68 -15.82
N PRO B 209 3.43 -2.02 -15.36
CA PRO B 209 2.36 -2.38 -16.29
C PRO B 209 2.09 -1.32 -17.30
N ALA B 210 2.20 -0.04 -16.91
CA ALA B 210 1.82 1.02 -17.85
C ALA B 210 2.66 1.02 -19.13
N SER B 211 3.93 0.65 -19.01
CA SER B 211 4.84 0.57 -20.14
C SER B 211 5.15 -0.93 -20.47
N SER B 212 4.34 -1.83 -19.91
CA SER B 212 4.53 -3.29 -20.07
C SER B 212 6.00 -3.70 -19.80
N THR B 213 6.68 -2.97 -18.91
CA THR B 213 8.08 -3.25 -18.68
C THR B 213 8.19 -4.48 -17.77
N LYS B 214 9.06 -5.42 -18.18
CA LYS B 214 9.47 -6.56 -17.32
C LYS B 214 10.99 -6.61 -17.27
N VAL B 215 11.55 -6.60 -16.05
CA VAL B 215 13.00 -6.53 -15.85
C VAL B 215 13.37 -7.54 -14.76
N ASP B 216 14.37 -8.38 -15.00
CA ASP B 216 15.02 -9.16 -13.94
C ASP B 216 16.44 -8.60 -13.83
N LYS B 217 16.86 -8.22 -12.63
CA LYS B 217 18.18 -7.66 -12.45
C LYS B 217 18.94 -8.50 -11.43
N LYS B 218 19.97 -9.19 -11.91
CA LYS B 218 20.75 -10.05 -11.01
C LYS B 218 21.66 -9.14 -10.18
N ILE B 219 21.69 -9.36 -8.86
CA ILE B 219 22.65 -8.65 -8.03
C ILE B 219 24.01 -9.38 -8.10
N VAL B 220 24.97 -8.77 -8.77
CA VAL B 220 26.33 -9.38 -8.94
C VAL B 220 27.30 -8.76 -7.92
N PRO B 221 28.14 -9.58 -7.27
CA PRO B 221 29.17 -9.04 -6.38
C PRO B 221 30.23 -8.20 -7.11
N ARG B 222 30.78 -7.21 -6.40
CA ARG B 222 31.80 -6.32 -6.98
C ARG B 222 33.05 -7.07 -7.48
N ASP B 223 33.57 -8.01 -6.70
CA ASP B 223 34.73 -8.85 -7.12
C ASP B 223 34.26 -10.12 -7.86
N CYS B 224 34.91 -11.25 -7.61
CA CYS B 224 34.29 -12.59 -7.71
C CYS B 224 34.12 -13.23 -9.08
#